data_3A09
#
_entry.id   3A09
#
_cell.length_a   58.378
_cell.length_b   67.725
_cell.length_c   63.206
_cell.angle_alpha   90.00
_cell.angle_beta   94.98
_cell.angle_gamma   90.00
#
_symmetry.space_group_name_H-M   'P 1 21 1'
#
loop_
_entity.id
_entity.type
_entity.pdbx_description
1 polymer AlgQ1
2 branched '4-deoxy-alpha-L-erythro-hex-4-enopyranuronic acid-(1-4)-beta-D-mannopyranuronic acid-(1-4)-alpha-D-mannopyranuronic acid'
3 non-polymer 'CALCIUM ION'
4 water water
#
_entity_poly.entity_id   1
_entity_poly.type   'polypeptide(L)'
_entity_poly.pdbx_seq_one_letter_code
;REATWVTEKPLTLKIHMHFRDKWVWDENWPVAREVARLTNVKLVGVANRAATNSQEQFNLMMASGQLPDIVGGDNLKDKF
IRYGMEGAFIPLNKLIDQNAPNLKAFFKTHPEVQRAITAPDGNIYYLPYVPDGLVSRGYFIRQDWLDKLHLKTPQTVDEL
YTVLKAFKEKDPNGNGKADEIPFINRDPEEVFRLVNFWGARSTGSNTWMDFYVENGKIKHPFAEVAFKDGIKHVAQWYKE
GLIDPEIFTRKARSREQTFGNNIGGMTHDWFASTALFNDALSKNIPGFKLVPMAPPINSKGQRWEEDARQIPRPDGWAIT
ATNKNPVETIKLFDFYFGPKGRELSNFGVPGLTYDIKNGKPVYKDTVLKAAQPVNNQMYDIGAQIPIGFWQDYEYERQWT
NDVALQGIDMYIKNKYVLPQFTGVNLTVEEREIYDKYWPDVKTYMFEMGQSWVMGTKDPEKTWNDYQQQLKNRGFYQVMI
VMQKAYDRQY
;
_entity_poly.pdbx_strand_id   A
#
# COMPACT_ATOMS: atom_id res chain seq x y z
N ARG A 1 -17.16 10.43 -33.09
CA ARG A 1 -15.70 10.31 -33.05
C ARG A 1 -15.10 11.34 -32.12
N GLU A 2 -14.03 11.01 -31.41
CA GLU A 2 -13.25 11.91 -30.58
C GLU A 2 -11.78 11.81 -31.02
N ALA A 3 -10.98 12.85 -30.85
CA ALA A 3 -9.58 12.96 -31.23
C ALA A 3 -8.76 11.95 -30.43
N THR A 4 -9.35 11.58 -29.30
CA THR A 4 -8.70 10.63 -28.39
C THR A 4 -9.06 9.19 -28.67
N TRP A 5 -9.94 8.90 -29.62
CA TRP A 5 -10.28 7.51 -29.90
C TRP A 5 -9.03 6.73 -30.29
N VAL A 6 -8.89 5.51 -29.76
CA VAL A 6 -7.71 4.71 -30.18
C VAL A 6 -8.08 3.63 -31.19
N THR A 7 -9.36 3.60 -31.57
CA THR A 7 -9.89 2.70 -32.58
C THR A 7 -11.12 3.34 -33.18
N GLU A 8 -11.42 3.18 -34.45
CA GLU A 8 -12.57 3.82 -35.08
C GLU A 8 -13.80 2.98 -34.75
N LYS A 9 -13.66 1.66 -34.84
CA LYS A 9 -14.69 0.70 -34.49
C LYS A 9 -14.64 0.45 -32.99
N PRO A 10 -15.78 0.55 -32.32
CA PRO A 10 -15.74 0.36 -30.87
C PRO A 10 -15.19 -1.01 -30.49
N LEU A 11 -14.42 -1.06 -29.41
CA LEU A 11 -13.85 -2.33 -28.94
C LEU A 11 -14.21 -2.57 -27.49
N THR A 12 -14.62 -3.78 -27.13
CA THR A 12 -14.79 -4.15 -25.75
C THR A 12 -13.78 -5.21 -25.34
N LEU A 13 -13.10 -5.06 -24.22
CA LEU A 13 -12.16 -6.06 -23.74
C LEU A 13 -12.53 -6.54 -22.35
N LYS A 14 -12.13 -7.75 -21.99
CA LYS A 14 -12.40 -8.23 -20.64
C LYS A 14 -11.24 -8.01 -19.69
N ILE A 15 -11.46 -7.52 -18.49
CA ILE A 15 -10.40 -7.31 -17.52
C ILE A 15 -10.69 -8.09 -16.25
N HIS A 16 -9.68 -8.83 -15.79
CA HIS A 16 -9.75 -9.35 -14.44
C HIS A 16 -8.98 -8.37 -13.54
N MET A 17 -9.72 -7.69 -12.65
CA MET A 17 -9.05 -6.84 -11.68
C MET A 17 -9.81 -6.94 -10.35
N HIS A 18 -9.28 -7.70 -9.43
CA HIS A 18 -9.76 -7.77 -8.05
C HIS A 18 -8.72 -7.09 -7.19
N PHE A 19 -9.00 -6.15 -6.30
CA PHE A 19 -7.91 -5.44 -5.66
C PHE A 19 -8.28 -5.07 -4.24
N ARG A 20 -7.26 -4.97 -3.41
CA ARG A 20 -7.42 -4.51 -2.02
C ARG A 20 -8.37 -5.39 -1.24
N ASP A 21 -8.47 -6.66 -1.66
CA ASP A 21 -9.36 -7.62 -1.00
C ASP A 21 -10.82 -7.15 -0.87
N LYS A 22 -11.25 -6.11 -1.60
CA LYS A 22 -12.56 -5.54 -1.41
C LYS A 22 -13.24 -5.13 -2.73
N TRP A 23 -12.50 -4.93 -3.83
CA TRP A 23 -13.11 -4.24 -4.99
C TRP A 23 -12.82 -4.97 -6.29
N VAL A 24 -13.68 -4.79 -7.28
CA VAL A 24 -13.41 -5.26 -8.64
C VAL A 24 -13.61 -4.14 -9.67
N TRP A 25 -13.06 -4.30 -10.88
CA TRP A 25 -13.32 -3.37 -11.97
C TRP A 25 -14.83 -3.26 -12.16
N ASP A 26 -15.35 -2.05 -12.22
CA ASP A 26 -16.78 -1.86 -12.51
C ASP A 26 -16.97 -1.00 -13.75
N GLU A 27 -17.49 -1.63 -14.82
CA GLU A 27 -17.71 -0.87 -16.05
CA GLU A 27 -17.72 -0.88 -16.05
C GLU A 27 -18.71 0.25 -15.86
N ASN A 28 -19.50 0.26 -14.78
CA ASN A 28 -20.45 1.34 -14.55
C ASN A 28 -19.85 2.52 -13.79
N TRP A 29 -18.61 2.34 -13.32
CA TRP A 29 -17.95 3.47 -12.69
C TRP A 29 -17.97 4.73 -13.54
N PRO A 30 -18.25 5.89 -13.01
CA PRO A 30 -18.11 7.14 -13.77
C PRO A 30 -16.76 7.26 -14.44
N VAL A 31 -15.63 6.89 -13.82
CA VAL A 31 -14.37 7.12 -14.54
C VAL A 31 -14.25 6.17 -15.71
N ALA A 32 -14.67 4.92 -15.52
CA ALA A 32 -14.59 3.94 -16.60
C ALA A 32 -15.42 4.40 -17.78
N ARG A 33 -16.63 4.88 -17.51
CA ARG A 33 -17.53 5.30 -18.60
C ARG A 33 -16.87 6.46 -19.34
N GLU A 34 -16.23 7.38 -18.63
CA GLU A 34 -15.60 8.54 -19.27
C GLU A 34 -14.43 8.11 -20.12
N VAL A 35 -13.61 7.22 -19.57
CA VAL A 35 -12.47 6.77 -20.41
C VAL A 35 -12.97 6.04 -21.65
N ALA A 36 -13.99 5.19 -21.47
CA ALA A 36 -14.54 4.46 -22.64
C ALA A 36 -15.09 5.44 -23.69
N ARG A 37 -15.73 6.49 -23.23
CA ARG A 37 -16.27 7.49 -24.18
C ARG A 37 -15.14 8.15 -24.97
N LEU A 38 -14.10 8.52 -24.25
CA LEU A 38 -12.98 9.27 -24.88
C LEU A 38 -12.09 8.37 -25.73
N THR A 39 -11.96 7.07 -25.41
CA THR A 39 -11.04 6.23 -26.17
C THR A 39 -11.69 5.26 -27.14
N ASN A 40 -12.98 5.01 -27.00
CA ASN A 40 -13.73 4.06 -27.80
C ASN A 40 -13.40 2.63 -27.36
N VAL A 41 -12.76 2.42 -26.22
CA VAL A 41 -12.50 1.07 -25.71
C VAL A 41 -13.20 0.92 -24.36
N LYS A 42 -14.04 -0.11 -24.25
CA LYS A 42 -14.74 -0.35 -23.00
CA LYS A 42 -14.78 -0.39 -23.04
C LYS A 42 -14.19 -1.61 -22.34
N LEU A 43 -13.97 -1.55 -21.03
CA LEU A 43 -13.47 -2.72 -20.31
C LEU A 43 -14.59 -3.31 -19.47
N VAL A 44 -14.77 -4.62 -19.56
CA VAL A 44 -15.86 -5.29 -18.85
C VAL A 44 -15.21 -6.19 -17.80
N GLY A 45 -15.59 -6.07 -16.52
CA GLY A 45 -14.91 -6.90 -15.56
C GLY A 45 -15.40 -8.33 -15.45
N VAL A 46 -14.47 -9.22 -15.17
CA VAL A 46 -14.84 -10.62 -15.01
C VAL A 46 -14.45 -11.21 -13.68
N ALA A 47 -13.94 -10.44 -12.74
CA ALA A 47 -13.51 -10.95 -11.44
C ALA A 47 -14.68 -11.14 -10.48
N ASN A 48 -14.49 -12.02 -9.49
CA ASN A 48 -15.54 -12.36 -8.51
C ASN A 48 -15.70 -11.25 -7.48
N ARG A 49 -16.84 -10.56 -7.50
CA ARG A 49 -16.94 -9.44 -6.54
CA ARG A 49 -16.99 -9.46 -6.55
C ARG A 49 -17.19 -9.97 -5.13
N ALA A 50 -17.46 -11.26 -4.96
CA ALA A 50 -17.73 -11.67 -3.56
C ALA A 50 -16.47 -12.10 -2.82
N ALA A 51 -15.36 -12.32 -3.49
CA ALA A 51 -14.14 -12.77 -2.84
C ALA A 51 -13.47 -11.73 -1.98
N THR A 52 -12.76 -12.15 -0.93
CA THR A 52 -12.07 -11.18 -0.08
C THR A 52 -10.56 -11.39 -0.04
N ASN A 53 -9.97 -12.03 -1.02
CA ASN A 53 -8.52 -12.17 -1.14
C ASN A 53 -8.07 -12.04 -2.60
N SER A 54 -7.56 -10.84 -2.92
CA SER A 54 -7.23 -10.51 -4.29
C SER A 54 -6.17 -11.44 -4.84
N GLN A 55 -5.21 -11.80 -3.98
CA GLN A 55 -4.15 -12.68 -4.51
C GLN A 55 -4.74 -14.03 -4.87
N GLU A 56 -5.64 -14.51 -3.98
CA GLU A 56 -6.17 -15.83 -4.30
CA GLU A 56 -6.30 -15.77 -4.23
C GLU A 56 -7.00 -15.76 -5.58
N GLN A 57 -7.64 -14.60 -5.82
CA GLN A 57 -8.45 -14.49 -7.06
C GLN A 57 -7.54 -14.48 -8.28
N PHE A 58 -6.36 -13.86 -8.20
CA PHE A 58 -5.41 -13.98 -9.33
C PHE A 58 -5.15 -15.47 -9.54
N ASN A 59 -4.80 -16.14 -8.44
CA ASN A 59 -4.46 -17.55 -8.62
C ASN A 59 -5.61 -18.37 -9.19
N LEU A 60 -6.83 -18.11 -8.75
CA LEU A 60 -8.03 -18.84 -9.21
C LEU A 60 -8.23 -18.52 -10.68
N MET A 61 -8.02 -17.25 -11.08
CA MET A 61 -8.09 -16.87 -12.49
C MET A 61 -7.16 -17.69 -13.37
N MET A 62 -5.90 -17.75 -12.89
CA MET A 62 -4.85 -18.37 -13.69
C MET A 62 -5.14 -19.85 -13.82
N ALA A 63 -5.94 -20.38 -12.89
CA ALA A 63 -6.33 -21.79 -12.89
C ALA A 63 -7.72 -22.06 -13.47
N SER A 64 -8.40 -21.08 -14.02
CA SER A 64 -9.76 -21.24 -14.52
C SER A 64 -9.83 -21.16 -16.04
N GLY A 65 -8.78 -21.63 -16.72
CA GLY A 65 -8.84 -21.68 -18.18
C GLY A 65 -8.42 -20.39 -18.85
N GLN A 66 -8.95 -20.12 -20.04
CA GLN A 66 -8.48 -19.03 -20.86
C GLN A 66 -8.55 -17.69 -20.16
N LEU A 67 -7.39 -17.01 -20.21
CA LEU A 67 -7.26 -15.72 -19.60
C LEU A 67 -8.09 -14.63 -20.31
N PRO A 68 -8.52 -13.63 -19.55
CA PRO A 68 -9.18 -12.46 -20.16
C PRO A 68 -8.13 -11.64 -20.91
N ASP A 69 -8.49 -10.41 -21.30
CA ASP A 69 -7.60 -9.60 -22.11
C ASP A 69 -6.57 -8.77 -21.34
N ILE A 70 -6.99 -8.36 -20.15
CA ILE A 70 -6.19 -7.51 -19.27
C ILE A 70 -6.29 -8.05 -17.85
N VAL A 71 -5.23 -8.02 -17.08
CA VAL A 71 -5.29 -8.35 -15.67
C VAL A 71 -4.69 -7.17 -14.91
N GLY A 72 -5.34 -6.74 -13.83
CA GLY A 72 -4.82 -5.64 -13.07
C GLY A 72 -4.99 -5.85 -11.57
N GLY A 73 -4.26 -5.07 -10.79
CA GLY A 73 -4.52 -5.11 -9.34
C GLY A 73 -3.30 -4.80 -8.51
N ASP A 74 -3.45 -4.76 -7.20
CA ASP A 74 -2.33 -4.49 -6.29
C ASP A 74 -1.50 -5.73 -6.05
N ASN A 75 -0.21 -5.50 -5.81
CA ASN A 75 0.67 -6.55 -5.30
C ASN A 75 0.80 -7.68 -6.30
N LEU A 76 0.82 -7.31 -7.60
CA LEU A 76 0.88 -8.27 -8.69
C LEU A 76 2.20 -8.23 -9.46
N LYS A 77 3.11 -7.31 -9.13
CA LYS A 77 4.40 -7.26 -9.84
C LYS A 77 5.07 -8.61 -10.02
N ASP A 78 5.18 -9.35 -8.92
CA ASP A 78 5.92 -10.60 -9.06
C ASP A 78 5.17 -11.65 -9.87
N LYS A 79 3.85 -11.61 -9.83
CA LYS A 79 3.07 -12.51 -10.65
C LYS A 79 3.16 -12.07 -12.10
N PHE A 80 3.11 -10.77 -12.38
CA PHE A 80 3.26 -10.33 -13.78
C PHE A 80 4.61 -10.72 -14.34
N ILE A 81 5.70 -10.56 -13.58
CA ILE A 81 7.05 -10.99 -14.06
C ILE A 81 7.11 -12.50 -14.18
N ARG A 82 6.70 -13.24 -13.15
CA ARG A 82 6.84 -14.69 -13.25
C ARG A 82 6.03 -15.25 -14.41
N TYR A 83 4.78 -14.83 -14.53
CA TYR A 83 3.97 -15.36 -15.62
C TYR A 83 4.26 -14.72 -16.98
N GLY A 84 4.80 -13.50 -17.01
CA GLY A 84 5.26 -12.88 -18.22
C GLY A 84 6.41 -13.72 -18.77
N MET A 85 7.39 -14.06 -17.90
CA MET A 85 8.59 -14.76 -18.38
CA MET A 85 8.58 -14.73 -18.43
C MET A 85 8.19 -16.11 -18.97
N GLU A 86 7.06 -16.65 -18.51
CA GLU A 86 6.55 -17.91 -19.05
C GLU A 86 5.67 -17.74 -20.28
N GLY A 87 5.26 -16.52 -20.59
CA GLY A 87 4.47 -16.32 -21.79
C GLY A 87 3.02 -15.91 -21.62
N ALA A 88 2.48 -15.89 -20.39
CA ALA A 88 1.05 -15.60 -20.19
C ALA A 88 0.73 -14.11 -20.37
N PHE A 89 1.73 -13.28 -20.07
CA PHE A 89 1.63 -11.84 -20.31
C PHE A 89 2.66 -11.47 -21.38
N ILE A 90 2.37 -10.50 -22.23
CA ILE A 90 3.27 -10.21 -23.35
C ILE A 90 4.21 -9.07 -22.99
N PRO A 91 5.40 -9.02 -23.55
CA PRO A 91 6.29 -7.89 -23.33
C PRO A 91 5.65 -6.69 -24.01
N LEU A 92 5.82 -5.55 -23.33
CA LEU A 92 5.23 -4.29 -23.84
C LEU A 92 6.28 -3.38 -24.47
N ASN A 93 7.56 -3.73 -24.48
CA ASN A 93 8.60 -2.77 -24.87
C ASN A 93 8.37 -2.20 -26.28
N LYS A 94 8.18 -3.11 -27.25
CA LYS A 94 8.02 -2.56 -28.59
C LYS A 94 6.64 -1.94 -28.78
N LEU A 95 5.58 -2.46 -28.14
CA LEU A 95 4.29 -1.79 -28.28
C LEU A 95 4.35 -0.34 -27.78
N ILE A 96 5.09 -0.16 -26.70
CA ILE A 96 5.27 1.17 -26.12
C ILE A 96 6.04 2.06 -27.08
N ASP A 97 7.16 1.56 -27.58
CA ASP A 97 7.93 2.35 -28.52
C ASP A 97 7.14 2.81 -29.72
N GLN A 98 6.29 1.92 -30.20
CA GLN A 98 5.63 2.23 -31.47
C GLN A 98 4.32 2.96 -31.35
N ASN A 99 3.71 2.78 -30.17
CA ASN A 99 2.32 3.22 -30.09
C ASN A 99 1.93 4.02 -28.87
N ALA A 100 2.82 4.21 -27.90
CA ALA A 100 2.42 4.84 -26.63
C ALA A 100 3.33 6.03 -26.32
N PRO A 101 3.12 7.14 -27.01
CA PRO A 101 4.04 8.27 -26.87
C PRO A 101 4.07 8.86 -25.47
N ASN A 102 2.98 8.82 -24.70
CA ASN A 102 3.02 9.39 -23.35
C ASN A 102 3.92 8.57 -22.42
N LEU A 103 3.77 7.27 -22.51
CA LEU A 103 4.57 6.35 -21.72
C LEU A 103 6.00 6.38 -22.21
N LYS A 104 6.22 6.48 -23.52
CA LYS A 104 7.61 6.49 -23.98
C LYS A 104 8.32 7.68 -23.38
N ALA A 105 7.63 8.83 -23.35
CA ALA A 105 8.23 10.02 -22.78
C ALA A 105 8.40 9.87 -21.27
N PHE A 106 7.35 9.41 -20.60
CA PHE A 106 7.44 9.15 -19.15
C PHE A 106 8.65 8.28 -18.82
N PHE A 107 8.83 7.13 -19.48
CA PHE A 107 9.93 6.25 -19.11
C PHE A 107 11.27 6.92 -19.39
N LYS A 108 11.32 7.78 -20.40
CA LYS A 108 12.60 8.47 -20.64
C LYS A 108 12.92 9.42 -19.50
N THR A 109 11.91 9.99 -18.86
CA THR A 109 12.26 10.91 -17.78
C THR A 109 12.22 10.24 -16.42
N HIS A 110 11.79 8.98 -16.42
CA HIS A 110 11.75 8.22 -15.17
C HIS A 110 12.45 6.89 -15.37
N PRO A 111 13.74 6.92 -15.69
CA PRO A 111 14.45 5.64 -15.91
C PRO A 111 14.40 4.74 -14.69
N GLU A 112 14.29 5.31 -13.47
CA GLU A 112 14.23 4.46 -12.28
CA GLU A 112 14.26 4.43 -12.31
C GLU A 112 12.95 3.65 -12.31
N VAL A 113 11.89 4.28 -12.81
CA VAL A 113 10.59 3.57 -12.85
C VAL A 113 10.68 2.46 -13.86
N GLN A 114 11.25 2.72 -15.05
CA GLN A 114 11.34 1.65 -16.04
C GLN A 114 12.20 0.52 -15.52
N ARG A 115 13.31 0.84 -14.85
CA ARG A 115 14.15 -0.19 -14.24
CA ARG A 115 14.11 -0.30 -14.36
C ARG A 115 13.35 -1.06 -13.28
N ALA A 116 12.54 -0.43 -12.41
CA ALA A 116 11.84 -1.13 -11.36
C ALA A 116 10.81 -2.11 -11.93
N ILE A 117 10.26 -1.84 -13.12
CA ILE A 117 9.25 -2.73 -13.66
C ILE A 117 9.81 -3.69 -14.70
N THR A 118 11.10 -3.63 -15.03
CA THR A 118 11.58 -4.53 -16.09
C THR A 118 12.05 -5.86 -15.57
N ALA A 119 11.76 -6.96 -16.25
CA ALA A 119 12.15 -8.28 -15.74
C ALA A 119 13.58 -8.65 -16.09
N PRO A 120 14.10 -9.72 -15.48
CA PRO A 120 15.46 -10.20 -15.79
C PRO A 120 15.66 -10.43 -17.28
N ASP A 121 14.61 -10.73 -18.04
CA ASP A 121 14.82 -11.03 -19.45
C ASP A 121 14.80 -9.72 -20.23
N GLY A 122 14.78 -8.57 -19.55
CA GLY A 122 14.78 -7.28 -20.23
C GLY A 122 13.38 -6.81 -20.64
N ASN A 123 12.32 -7.61 -20.40
CA ASN A 123 10.99 -7.22 -20.86
C ASN A 123 10.16 -6.52 -19.80
N ILE A 124 9.28 -5.63 -20.28
CA ILE A 124 8.31 -5.00 -19.41
C ILE A 124 6.99 -5.73 -19.56
N TYR A 125 6.50 -6.29 -18.46
CA TYR A 125 5.32 -7.12 -18.54
C TYR A 125 4.11 -6.41 -17.95
N TYR A 126 4.25 -5.21 -17.39
CA TYR A 126 3.10 -4.54 -16.81
C TYR A 126 3.39 -3.03 -16.77
N LEU A 127 2.37 -2.22 -16.65
CA LEU A 127 2.52 -0.81 -16.36
C LEU A 127 2.08 -0.59 -14.92
N PRO A 128 2.86 0.17 -14.17
CA PRO A 128 2.61 0.34 -12.75
C PRO A 128 1.72 1.50 -12.35
N TYR A 129 1.16 1.33 -11.15
CA TYR A 129 0.72 2.47 -10.34
C TYR A 129 1.97 3.25 -9.91
N VAL A 130 1.98 4.51 -10.29
CA VAL A 130 3.05 5.44 -9.98
C VAL A 130 2.55 6.46 -8.96
N PRO A 131 2.78 6.23 -7.66
CA PRO A 131 2.39 7.25 -6.69
C PRO A 131 3.12 8.59 -6.87
N ASP A 132 2.54 9.59 -6.20
CA ASP A 132 3.17 10.93 -6.26
C ASP A 132 3.16 11.49 -4.85
N GLY A 133 4.29 11.99 -4.39
CA GLY A 133 4.43 12.44 -3.01
C GLY A 133 5.74 11.89 -2.42
N LEU A 134 5.94 12.13 -1.12
CA LEU A 134 7.20 11.80 -0.44
C LEU A 134 6.93 10.95 0.79
N VAL A 135 6.29 11.53 1.82
CA VAL A 135 5.98 10.75 3.00
C VAL A 135 4.65 10.06 2.80
N SER A 136 4.40 9.04 3.61
CA SER A 136 3.12 8.34 3.52
C SER A 136 2.49 8.32 4.90
N ARG A 137 2.99 7.42 5.74
CA ARG A 137 2.43 7.30 7.11
C ARG A 137 3.18 8.04 8.19
N GLY A 138 2.46 8.30 9.30
CA GLY A 138 3.10 8.77 10.53
C GLY A 138 2.29 8.39 11.75
N TYR A 139 2.81 8.55 12.92
CA TYR A 139 2.12 8.25 14.18
C TYR A 139 1.12 9.33 14.54
N PHE A 140 -0.07 8.93 15.01
CA PHE A 140 -1.08 9.88 15.44
C PHE A 140 -1.56 9.49 16.81
N ILE A 141 -1.80 10.48 17.68
CA ILE A 141 -2.25 10.13 19.03
C ILE A 141 -3.35 11.07 19.46
N ARG A 142 -4.24 10.67 20.36
CA ARG A 142 -5.31 11.51 20.82
C ARG A 142 -4.83 12.57 21.81
N GLN A 143 -4.61 13.77 21.38
CA GLN A 143 -4.16 14.88 22.22
C GLN A 143 -5.22 15.15 23.27
N ASP A 144 -6.50 15.02 22.90
CA ASP A 144 -7.50 15.32 23.93
C ASP A 144 -7.45 14.31 25.08
N TRP A 145 -7.11 13.06 24.77
CA TRP A 145 -6.94 12.08 25.85
C TRP A 145 -5.69 12.34 26.66
N LEU A 146 -4.60 12.72 26.00
CA LEU A 146 -3.41 13.15 26.76
C LEU A 146 -3.81 14.27 27.72
N ASP A 147 -4.57 15.27 27.21
CA ASP A 147 -4.84 16.39 28.12
C ASP A 147 -5.83 15.95 29.19
N LYS A 148 -6.79 15.08 28.91
CA LYS A 148 -7.73 14.66 29.98
C LYS A 148 -6.98 14.00 31.13
N LEU A 149 -5.95 13.23 30.76
CA LEU A 149 -5.17 12.47 31.73
C LEU A 149 -3.95 13.17 32.27
N HIS A 150 -3.74 14.41 31.86
CA HIS A 150 -2.58 15.22 32.23
C HIS A 150 -1.26 14.52 31.90
N LEU A 151 -1.20 13.97 30.67
CA LEU A 151 -0.02 13.25 30.20
C LEU A 151 0.69 14.06 29.14
N LYS A 152 2.02 14.02 29.16
CA LYS A 152 2.81 14.66 28.10
C LYS A 152 2.93 13.74 26.89
N THR A 153 3.21 14.33 25.72
CA THR A 153 3.44 13.56 24.53
C THR A 153 4.60 12.59 24.76
N PRO A 154 4.39 11.29 24.57
CA PRO A 154 5.48 10.36 24.89
C PRO A 154 6.64 10.49 23.90
N GLN A 155 7.85 10.46 24.46
CA GLN A 155 9.07 10.69 23.70
C GLN A 155 9.89 9.44 23.51
N THR A 156 9.61 8.44 24.32
CA THR A 156 10.33 7.18 24.27
C THR A 156 9.33 6.03 24.31
N VAL A 157 9.83 4.83 24.04
CA VAL A 157 8.89 3.69 24.09
C VAL A 157 8.41 3.45 25.50
N ASP A 158 9.26 3.64 26.52
CA ASP A 158 8.78 3.46 27.89
C ASP A 158 7.70 4.47 28.26
N GLU A 159 7.85 5.74 27.85
CA GLU A 159 6.82 6.76 28.08
C GLU A 159 5.53 6.38 27.31
N LEU A 160 5.68 5.85 26.12
CA LEU A 160 4.52 5.47 25.33
C LEU A 160 3.76 4.33 26.03
N TYR A 161 4.47 3.36 26.60
CA TYR A 161 3.81 2.25 27.33
C TYR A 161 2.94 2.82 28.43
N THR A 162 3.53 3.69 29.24
CA THR A 162 2.75 4.32 30.30
C THR A 162 1.49 5.03 29.77
N VAL A 163 1.64 5.78 28.67
CA VAL A 163 0.47 6.50 28.10
C VAL A 163 -0.58 5.56 27.56
N LEU A 164 -0.18 4.51 26.82
CA LEU A 164 -1.19 3.56 26.32
C LEU A 164 -1.87 2.79 27.45
N LYS A 165 -1.13 2.40 28.48
CA LYS A 165 -1.74 1.76 29.65
C LYS A 165 -2.72 2.73 30.30
N ALA A 166 -2.41 4.02 30.39
CA ALA A 166 -3.40 4.97 30.94
C ALA A 166 -4.64 5.10 30.09
N PHE A 167 -4.45 5.14 28.77
CA PHE A 167 -5.59 5.15 27.87
C PHE A 167 -6.50 3.96 28.14
N LYS A 168 -5.91 2.77 28.30
CA LYS A 168 -6.68 1.57 28.61
C LYS A 168 -7.39 1.67 29.94
N GLU A 169 -6.70 2.19 30.95
CA GLU A 169 -7.19 1.98 32.32
C GLU A 169 -7.88 3.16 32.91
N LYS A 170 -7.69 4.36 32.40
CA LYS A 170 -8.11 5.53 33.17
C LYS A 170 -9.32 6.16 32.52
N ASP A 171 -10.09 5.47 31.66
CA ASP A 171 -11.36 5.96 31.12
C ASP A 171 -11.31 7.36 30.49
N PRO A 172 -10.41 7.59 29.55
CA PRO A 172 -10.31 8.95 29.00
C PRO A 172 -11.57 9.37 28.27
N ASN A 173 -12.40 8.43 27.76
CA ASN A 173 -13.62 8.91 27.11
C ASN A 173 -14.75 9.23 28.10
N GLY A 174 -14.53 9.05 29.39
CA GLY A 174 -15.34 9.49 30.50
C GLY A 174 -16.65 8.76 30.63
N ASN A 175 -16.79 7.57 30.05
CA ASN A 175 -18.11 6.92 30.11
C ASN A 175 -18.22 5.83 31.16
N GLY A 176 -17.19 5.71 32.00
CA GLY A 176 -17.22 4.80 33.14
C GLY A 176 -16.90 3.37 32.79
N LYS A 177 -16.61 3.12 31.53
CA LYS A 177 -16.35 1.79 31.07
C LYS A 177 -14.91 1.67 30.59
N ALA A 178 -14.38 0.46 30.76
CA ALA A 178 -13.04 0.19 30.20
C ALA A 178 -13.20 -0.29 28.77
N ASP A 179 -13.54 0.65 27.91
CA ASP A 179 -13.79 0.25 26.52
C ASP A 179 -12.73 0.79 25.60
N GLU A 180 -11.76 1.56 26.04
CA GLU A 180 -10.78 2.13 25.13
C GLU A 180 -9.78 1.09 24.64
N ILE A 181 -9.40 1.24 23.37
CA ILE A 181 -8.37 0.46 22.71
C ILE A 181 -7.22 1.39 22.35
N PRO A 182 -6.11 1.29 23.09
CA PRO A 182 -5.06 2.30 22.90
C PRO A 182 -4.52 2.39 21.49
N PHE A 183 -4.11 1.31 20.84
CA PHE A 183 -3.51 1.38 19.50
C PHE A 183 -4.38 0.61 18.50
N ILE A 184 -4.83 1.27 17.44
CA ILE A 184 -5.64 0.65 16.41
C ILE A 184 -4.95 0.80 15.07
N ASN A 185 -5.31 -0.02 14.10
CA ASN A 185 -4.78 0.16 12.76
C ASN A 185 -5.61 -0.52 11.68
N ARG A 186 -5.84 0.18 10.58
CA ARG A 186 -6.47 -0.40 9.41
C ARG A 186 -5.66 -1.56 8.83
N ASP A 187 -4.34 -1.56 9.04
CA ASP A 187 -3.53 -2.60 8.39
C ASP A 187 -2.94 -3.59 9.39
N PRO A 188 -3.32 -4.84 9.30
CA PRO A 188 -2.72 -5.86 10.19
C PRO A 188 -1.21 -5.76 10.19
N GLU A 189 -0.61 -5.48 9.03
CA GLU A 189 0.87 -5.51 9.01
C GLU A 189 1.48 -4.42 9.85
N GLU A 190 0.71 -3.42 10.24
CA GLU A 190 1.31 -2.37 11.10
C GLU A 190 1.59 -2.89 12.50
N VAL A 191 0.90 -4.00 12.89
CA VAL A 191 1.25 -4.60 14.18
C VAL A 191 2.69 -5.10 14.09
N PHE A 192 3.13 -5.63 12.96
CA PHE A 192 4.51 -6.10 12.86
C PHE A 192 5.46 -4.92 12.90
N ARG A 193 5.04 -3.78 12.36
CA ARG A 193 5.92 -2.60 12.32
C ARG A 193 6.14 -2.08 13.71
N LEU A 194 5.32 -2.48 14.70
CA LEU A 194 5.63 -2.03 16.08
C LEU A 194 6.95 -2.53 16.58
N VAL A 195 7.57 -3.52 15.91
CA VAL A 195 8.88 -4.00 16.37
C VAL A 195 9.90 -2.88 16.16
N ASN A 196 9.60 -1.84 15.38
CA ASN A 196 10.52 -0.71 15.26
C ASN A 196 10.81 -0.08 16.61
N PHE A 197 9.84 -0.17 17.52
CA PHE A 197 10.02 0.43 18.84
C PHE A 197 11.16 -0.25 19.59
N TRP A 198 11.45 -1.51 19.25
CA TRP A 198 12.50 -2.28 19.87
C TRP A 198 13.67 -2.50 18.90
N GLY A 199 13.88 -1.58 17.94
CA GLY A 199 15.10 -1.56 17.15
C GLY A 199 15.13 -2.61 16.05
N ALA A 200 14.00 -3.20 15.70
CA ALA A 200 13.97 -4.19 14.61
C ALA A 200 13.19 -3.64 13.43
N ARG A 201 13.56 -3.95 12.20
CA ARG A 201 12.79 -3.60 11.02
C ARG A 201 11.65 -4.57 10.79
N SER A 202 10.60 -4.10 10.10
CA SER A 202 9.55 -5.00 9.65
C SER A 202 9.49 -5.06 8.13
N THR A 203 10.02 -4.09 7.38
CA THR A 203 10.01 -4.07 5.92
C THR A 203 10.94 -2.97 5.43
N GLY A 204 11.58 -3.16 4.27
CA GLY A 204 12.43 -2.19 3.69
C GLY A 204 11.75 -1.14 2.85
N SER A 205 10.45 -1.22 2.60
CA SER A 205 9.82 -0.20 1.73
C SER A 205 8.34 -0.24 1.99
N ASN A 206 7.56 0.53 1.20
CA ASN A 206 6.09 0.48 1.30
C ASN A 206 5.53 -0.87 0.90
N THR A 207 6.28 -1.69 0.19
CA THR A 207 5.82 -3.05 -0.08
C THR A 207 5.91 -3.84 1.20
N TRP A 208 4.82 -4.50 1.65
CA TRP A 208 4.96 -5.21 2.92
C TRP A 208 6.00 -6.32 2.86
N MET A 209 6.68 -6.56 3.98
CA MET A 209 7.65 -7.65 4.12
C MET A 209 8.71 -7.63 3.04
N ASP A 210 9.18 -6.39 2.75
CA ASP A 210 10.27 -6.30 1.76
C ASP A 210 11.61 -6.43 2.43
N PHE A 211 12.63 -6.80 1.68
CA PHE A 211 14.01 -6.80 2.14
C PHE A 211 14.54 -5.41 2.47
N TYR A 212 15.68 -5.35 3.16
CA TYR A 212 16.35 -4.06 3.36
C TYR A 212 17.83 -4.33 3.25
N VAL A 213 18.61 -3.26 3.16
CA VAL A 213 20.06 -3.34 3.14
C VAL A 213 20.63 -2.62 4.36
N GLU A 214 21.64 -3.26 4.95
CA GLU A 214 22.38 -2.72 6.07
C GLU A 214 23.88 -3.01 5.83
N ASN A 215 24.64 -1.93 5.73
CA ASN A 215 26.07 -1.97 5.49
C ASN A 215 26.37 -2.87 4.31
N GLY A 216 25.67 -2.71 3.18
CA GLY A 216 26.08 -3.55 2.08
C GLY A 216 25.51 -4.94 2.11
N LYS A 217 24.69 -5.32 3.08
CA LYS A 217 24.16 -6.67 3.15
C LYS A 217 22.63 -6.70 3.12
N ILE A 218 22.12 -7.53 2.20
CA ILE A 218 20.67 -7.73 2.08
C ILE A 218 20.15 -8.47 3.31
N LYS A 219 19.12 -8.01 3.97
CA LYS A 219 18.50 -8.71 5.11
C LYS A 219 17.01 -8.83 4.87
N HIS A 220 16.37 -9.83 5.41
CA HIS A 220 14.90 -9.82 5.50
C HIS A 220 14.47 -9.60 6.94
N PRO A 221 13.62 -8.64 7.22
CA PRO A 221 13.24 -8.32 8.61
C PRO A 221 12.75 -9.51 9.41
N PHE A 222 11.99 -10.42 8.83
CA PHE A 222 11.39 -11.51 9.61
C PHE A 222 12.38 -12.61 9.97
N ALA A 223 13.59 -12.57 9.40
CA ALA A 223 14.59 -13.62 9.67
C ALA A 223 15.56 -13.20 10.76
N GLU A 224 15.53 -11.94 11.18
CA GLU A 224 16.57 -11.35 12.03
C GLU A 224 16.32 -11.65 13.49
N VAL A 225 17.35 -11.89 14.30
CA VAL A 225 17.18 -12.06 15.74
C VAL A 225 16.48 -10.86 16.35
N ALA A 226 16.72 -9.65 15.80
CA ALA A 226 16.08 -8.46 16.41
C ALA A 226 14.57 -8.60 16.31
N PHE A 227 14.10 -9.29 15.27
CA PHE A 227 12.66 -9.49 15.07
C PHE A 227 12.11 -10.43 16.13
N LYS A 228 12.85 -11.50 16.43
CA LYS A 228 12.43 -12.42 17.50
C LYS A 228 12.27 -11.67 18.81
N ASP A 229 13.27 -10.88 19.17
CA ASP A 229 13.18 -10.16 20.42
C ASP A 229 12.15 -9.03 20.40
N GLY A 230 12.00 -8.40 19.22
CA GLY A 230 11.02 -7.32 19.12
C GLY A 230 9.58 -7.79 19.16
N ILE A 231 9.35 -8.93 18.50
CA ILE A 231 7.97 -9.46 18.38
C ILE A 231 7.54 -9.97 19.74
N LYS A 232 8.48 -10.40 20.60
CA LYS A 232 8.10 -10.69 21.98
CA LYS A 232 8.10 -10.70 21.98
C LYS A 232 7.49 -9.50 22.69
N HIS A 233 8.08 -8.35 22.45
CA HIS A 233 7.53 -7.14 23.08
C HIS A 233 6.18 -6.75 22.54
N VAL A 234 6.05 -6.86 21.21
CA VAL A 234 4.73 -6.63 20.61
C VAL A 234 3.69 -7.60 21.16
N ALA A 235 4.03 -8.87 21.30
CA ALA A 235 3.11 -9.86 21.87
C ALA A 235 2.75 -9.45 23.29
N GLN A 236 3.69 -8.89 24.05
CA GLN A 236 3.33 -8.47 25.42
C GLN A 236 2.36 -7.32 25.43
N TRP A 237 2.55 -6.30 24.58
CA TRP A 237 1.57 -5.23 24.48
C TRP A 237 0.22 -5.76 24.00
N TYR A 238 0.24 -6.73 23.08
CA TYR A 238 -1.01 -7.38 22.65
C TYR A 238 -1.67 -8.10 23.83
N LYS A 239 -0.93 -8.89 24.58
CA LYS A 239 -1.45 -9.55 25.79
C LYS A 239 -2.16 -8.60 26.74
N GLU A 240 -1.48 -7.48 26.99
CA GLU A 240 -2.01 -6.51 27.96
C GLU A 240 -3.13 -5.66 27.39
N GLY A 241 -3.49 -5.84 26.11
CA GLY A 241 -4.63 -5.12 25.57
C GLY A 241 -4.29 -3.72 25.10
N LEU A 242 -3.01 -3.38 24.95
CA LEU A 242 -2.62 -2.04 24.47
C LEU A 242 -2.81 -1.95 22.96
N ILE A 243 -2.71 -3.08 22.27
CA ILE A 243 -2.96 -3.22 20.85
C ILE A 243 -4.33 -3.82 20.65
N ASP A 244 -5.09 -3.26 19.73
CA ASP A 244 -6.40 -3.80 19.36
C ASP A 244 -6.44 -5.32 19.27
N PRO A 245 -7.27 -5.99 20.05
CA PRO A 245 -7.34 -7.47 19.98
C PRO A 245 -7.72 -7.92 18.58
N GLU A 246 -8.47 -7.08 17.89
CA GLU A 246 -8.90 -7.44 16.53
C GLU A 246 -7.98 -6.93 15.44
N ILE A 247 -6.73 -6.61 15.72
CA ILE A 247 -5.87 -5.99 14.71
C ILE A 247 -5.66 -6.87 13.48
N PHE A 248 -5.75 -8.20 13.55
CA PHE A 248 -5.63 -8.99 12.31
C PHE A 248 -6.93 -9.12 11.48
N THR A 249 -8.03 -8.68 12.08
CA THR A 249 -9.37 -8.91 11.53
CA THR A 249 -9.37 -8.90 11.53
C THR A 249 -10.19 -7.66 11.22
N ARG A 250 -9.99 -6.59 11.99
CA ARG A 250 -10.90 -5.44 11.84
C ARG A 250 -10.69 -4.75 10.49
N LYS A 251 -9.47 -4.37 10.18
CA LYS A 251 -9.08 -3.90 8.84
C LYS A 251 -9.72 -2.63 8.36
N ALA A 252 -10.36 -2.55 7.19
CA ALA A 252 -10.45 -1.26 6.47
C ALA A 252 -11.16 -0.15 7.22
N ARG A 253 -12.15 -0.46 8.03
CA ARG A 253 -12.91 0.62 8.69
CA ARG A 253 -12.92 0.59 8.70
C ARG A 253 -12.56 0.77 10.15
N SER A 254 -11.34 0.36 10.51
CA SER A 254 -10.88 0.46 11.87
C SER A 254 -11.00 1.89 12.42
N ARG A 255 -10.68 2.89 11.63
CA ARG A 255 -10.68 4.27 12.11
C ARG A 255 -12.10 4.75 12.30
N GLU A 256 -12.98 4.50 11.33
CA GLU A 256 -14.39 4.87 11.45
C GLU A 256 -15.00 4.28 12.71
N GLN A 257 -14.70 3.00 12.99
CA GLN A 257 -15.24 2.31 14.16
C GLN A 257 -14.72 2.87 15.47
N THR A 258 -13.36 2.90 15.52
CA THR A 258 -12.76 3.14 16.83
C THR A 258 -12.64 4.62 17.13
N PHE A 259 -12.29 5.44 16.16
CA PHE A 259 -12.34 6.87 16.50
C PHE A 259 -13.80 7.33 16.55
N GLY A 260 -14.69 6.84 15.66
CA GLY A 260 -16.10 7.25 15.60
C GLY A 260 -16.77 6.93 16.94
N ASN A 261 -16.38 5.81 17.59
CA ASN A 261 -17.01 5.46 18.86
C ASN A 261 -16.14 5.89 20.03
N ASN A 262 -15.15 6.79 19.81
CA ASN A 262 -14.32 7.35 20.86
C ASN A 262 -13.66 6.26 21.71
N ILE A 263 -13.15 5.22 21.08
CA ILE A 263 -12.43 4.17 21.81
C ILE A 263 -11.02 3.94 21.26
N GLY A 264 -10.58 4.64 20.20
CA GLY A 264 -9.21 4.43 19.76
C GLY A 264 -8.32 5.59 20.17
N GLY A 265 -7.11 5.30 20.63
CA GLY A 265 -6.14 6.25 21.18
C GLY A 265 -5.00 6.64 20.28
N MET A 266 -4.63 5.83 19.29
CA MET A 266 -3.39 6.04 18.58
C MET A 266 -3.34 5.19 17.35
N THR A 267 -2.72 5.62 16.28
CA THR A 267 -2.54 4.74 15.12
CA THR A 267 -2.56 4.82 15.06
C THR A 267 -1.25 5.17 14.39
N HIS A 268 -1.01 4.46 13.30
CA HIS A 268 0.14 4.74 12.44
C HIS A 268 -0.40 4.59 11.04
N ASP A 269 -0.61 5.70 10.35
CA ASP A 269 -1.36 5.63 9.07
C ASP A 269 -1.11 6.88 8.27
N TRP A 270 -1.66 6.98 7.06
CA TRP A 270 -1.37 8.07 6.13
C TRP A 270 -1.85 9.40 6.64
N PHE A 271 -1.03 10.46 6.45
CA PHE A 271 -1.36 11.71 7.11
C PHE A 271 -2.68 12.28 6.66
N ALA A 272 -2.98 12.33 5.34
CA ALA A 272 -4.18 13.08 4.93
C ALA A 272 -5.46 12.45 5.43
N SER A 273 -5.65 11.18 5.14
CA SER A 273 -6.96 10.58 5.55
C SER A 273 -7.07 10.41 7.05
N THR A 274 -5.92 10.21 7.75
CA THR A 274 -6.07 10.05 9.20
C THR A 274 -6.43 11.37 9.86
N ALA A 275 -5.77 12.46 9.43
CA ALA A 275 -6.08 13.75 10.03
C ALA A 275 -7.49 14.22 9.71
N LEU A 276 -8.09 13.76 8.61
CA LEU A 276 -9.46 14.13 8.24
C LEU A 276 -10.44 13.72 9.31
N PHE A 277 -10.15 12.67 10.10
CA PHE A 277 -11.11 12.29 11.15
C PHE A 277 -11.29 13.41 12.16
N ASN A 278 -10.36 14.34 12.35
CA ASN A 278 -10.69 15.48 13.23
C ASN A 278 -11.87 16.26 12.72
N ASP A 279 -11.92 16.42 11.41
CA ASP A 279 -12.99 17.21 10.79
C ASP A 279 -14.27 16.41 10.71
N ALA A 280 -14.20 15.14 10.33
CA ALA A 280 -15.41 14.32 10.23
C ALA A 280 -16.13 14.11 11.54
N LEU A 281 -15.38 14.04 12.66
CA LEU A 281 -15.93 13.68 13.95
C LEU A 281 -16.21 14.91 14.79
N SER A 282 -15.93 16.10 14.32
CA SER A 282 -16.05 17.30 15.14
C SER A 282 -17.47 17.47 15.63
N LYS A 283 -18.48 17.19 14.82
CA LYS A 283 -19.86 17.40 15.33
C LYS A 283 -20.23 16.44 16.46
N ASN A 284 -19.82 15.17 16.27
CA ASN A 284 -20.26 14.14 17.23
C ASN A 284 -19.39 14.06 18.48
N ILE A 285 -18.11 14.41 18.35
CA ILE A 285 -17.12 14.34 19.44
C ILE A 285 -16.41 15.69 19.43
N PRO A 286 -17.00 16.75 20.00
CA PRO A 286 -16.45 18.09 19.91
C PRO A 286 -15.03 18.24 20.36
N GLY A 287 -14.56 17.51 21.37
CA GLY A 287 -13.14 17.78 21.62
C GLY A 287 -12.17 16.81 21.00
N PHE A 288 -12.62 15.98 20.08
CA PHE A 288 -11.75 15.01 19.42
C PHE A 288 -10.56 15.73 18.78
N LYS A 289 -9.35 15.35 19.17
CA LYS A 289 -8.14 15.90 18.58
CA LYS A 289 -8.15 15.90 18.57
C LYS A 289 -7.07 14.84 18.39
N LEU A 290 -6.94 14.34 17.17
CA LEU A 290 -5.95 13.34 16.77
C LEU A 290 -4.83 14.09 16.08
N VAL A 291 -3.60 13.95 16.62
CA VAL A 291 -2.53 14.82 16.09
C VAL A 291 -1.30 13.97 15.77
N PRO A 292 -0.56 14.39 14.76
CA PRO A 292 0.72 13.75 14.48
C PRO A 292 1.63 13.79 15.72
N MET A 293 2.41 12.76 15.83
CA MET A 293 3.45 12.61 16.85
C MET A 293 4.76 12.22 16.22
N ALA A 294 5.89 12.76 16.65
CA ALA A 294 7.14 12.19 16.20
C ALA A 294 7.25 10.72 16.59
N PRO A 295 7.95 9.87 15.85
CA PRO A 295 8.16 8.50 16.34
C PRO A 295 8.85 8.60 17.70
N PRO A 296 8.52 7.72 18.66
CA PRO A 296 9.20 7.70 19.96
C PRO A 296 10.65 7.25 19.76
N ILE A 297 11.55 7.70 20.63
CA ILE A 297 12.93 7.16 20.61
C ILE A 297 12.91 5.68 20.93
N ASN A 298 13.43 4.85 20.02
CA ASN A 298 13.29 3.41 20.21
C ASN A 298 14.47 2.82 20.98
N SER A 299 14.54 1.50 21.12
CA SER A 299 15.59 0.90 21.96
C SER A 299 16.99 1.07 21.40
N LYS A 300 17.12 1.46 20.14
CA LYS A 300 18.38 1.80 19.50
C LYS A 300 18.68 3.29 19.51
N GLY A 301 17.86 4.06 20.24
CA GLY A 301 18.09 5.47 20.51
C GLY A 301 17.65 6.39 19.37
N GLN A 302 16.82 5.92 18.45
CA GLN A 302 16.50 6.65 17.24
C GLN A 302 15.01 6.72 17.08
N ARG A 303 14.53 7.74 16.38
CA ARG A 303 13.13 7.92 16.02
C ARG A 303 12.92 7.47 14.59
N TRP A 304 12.38 6.25 14.40
CA TRP A 304 12.25 5.71 13.06
C TRP A 304 10.87 5.95 12.46
N GLU A 305 10.74 6.42 11.23
CA GLU A 305 9.57 6.26 10.39
C GLU A 305 9.99 5.28 9.28
N GLU A 306 9.46 4.07 9.33
CA GLU A 306 9.95 3.02 8.40
C GLU A 306 9.34 3.17 7.01
N ASP A 307 8.19 3.83 6.95
CA ASP A 307 7.45 3.88 5.68
C ASP A 307 7.61 5.15 4.89
N ALA A 308 7.53 5.02 3.55
CA ALA A 308 7.48 6.19 2.69
C ALA A 308 6.78 5.84 1.39
N ARG A 309 6.35 6.80 0.57
CA ARG A 309 5.77 6.49 -0.73
C ARG A 309 6.79 5.75 -1.58
N GLN A 310 6.27 4.81 -2.35
CA GLN A 310 7.19 3.99 -3.17
C GLN A 310 6.85 4.19 -4.63
N ILE A 311 7.82 4.71 -5.38
CA ILE A 311 7.56 5.12 -6.77
C ILE A 311 8.43 4.28 -7.67
N PRO A 312 7.90 3.30 -8.42
CA PRO A 312 6.48 2.89 -8.50
C PRO A 312 6.12 1.83 -7.45
N ARG A 313 4.83 1.55 -7.32
CA ARG A 313 4.36 0.43 -6.49
C ARG A 313 4.28 -0.87 -7.27
N PRO A 314 4.29 -2.01 -6.57
CA PRO A 314 4.23 -3.32 -7.26
C PRO A 314 2.79 -3.66 -7.65
N ASP A 315 2.08 -2.67 -8.19
CA ASP A 315 0.67 -2.69 -8.56
C ASP A 315 0.49 -2.28 -10.01
N GLY A 316 -0.50 -2.75 -10.75
CA GLY A 316 -0.76 -2.17 -12.07
C GLY A 316 -1.50 -3.19 -12.94
N TRP A 317 -1.27 -3.14 -14.27
CA TRP A 317 -1.98 -4.03 -15.16
C TRP A 317 -1.11 -4.41 -16.36
N ALA A 318 -1.51 -5.52 -16.98
CA ALA A 318 -0.78 -6.27 -17.98
C ALA A 318 -1.71 -6.75 -19.09
N ILE A 319 -1.07 -7.01 -20.25
CA ILE A 319 -1.76 -7.53 -21.43
C ILE A 319 -1.49 -9.02 -21.53
N THR A 320 -2.55 -9.84 -21.65
CA THR A 320 -2.33 -11.26 -21.73
C THR A 320 -1.99 -11.72 -23.14
N ALA A 321 -1.47 -12.95 -23.26
CA ALA A 321 -1.17 -13.45 -24.61
C ALA A 321 -2.47 -13.74 -25.37
N THR A 322 -3.62 -13.76 -24.69
CA THR A 322 -4.83 -14.06 -25.46
C THR A 322 -5.50 -12.80 -26.01
N ASN A 323 -5.06 -11.63 -25.55
CA ASN A 323 -5.65 -10.35 -26.03
C ASN A 323 -5.41 -10.20 -27.53
N LYS A 324 -6.46 -10.11 -28.34
CA LYS A 324 -6.32 -10.08 -29.79
C LYS A 324 -6.11 -8.67 -30.33
N ASN A 325 -6.10 -7.71 -29.42
CA ASN A 325 -5.96 -6.29 -29.76
C ASN A 325 -4.93 -5.60 -28.89
N PRO A 326 -3.70 -6.09 -28.96
CA PRO A 326 -2.64 -5.55 -28.10
C PRO A 326 -2.30 -4.13 -28.47
N VAL A 327 -2.40 -3.74 -29.74
CA VAL A 327 -2.11 -2.34 -30.10
C VAL A 327 -3.21 -1.43 -29.58
N GLU A 328 -4.50 -1.76 -29.76
CA GLU A 328 -5.51 -0.86 -29.18
C GLU A 328 -5.39 -0.85 -27.68
N THR A 329 -4.94 -1.98 -27.09
CA THR A 329 -4.81 -2.00 -25.62
C THR A 329 -3.68 -1.10 -25.15
N ILE A 330 -2.53 -1.14 -25.82
CA ILE A 330 -1.44 -0.26 -25.33
C ILE A 330 -1.83 1.19 -25.56
N LYS A 331 -2.65 1.48 -26.59
CA LYS A 331 -3.04 2.89 -26.79
C LYS A 331 -3.96 3.33 -25.66
N LEU A 332 -4.85 2.45 -25.25
CA LEU A 332 -5.74 2.75 -24.13
C LEU A 332 -4.90 3.00 -22.90
N PHE A 333 -3.95 2.09 -22.66
CA PHE A 333 -3.10 2.31 -21.49
C PHE A 333 -2.35 3.63 -21.59
N ASP A 334 -1.92 4.03 -22.80
CA ASP A 334 -1.16 5.27 -22.91
C ASP A 334 -2.02 6.49 -22.63
N PHE A 335 -3.32 6.38 -22.87
CA PHE A 335 -4.24 7.51 -22.61
C PHE A 335 -4.12 7.91 -21.16
N TYR A 336 -3.91 6.93 -20.26
CA TYR A 336 -3.84 7.35 -18.85
C TYR A 336 -2.62 8.19 -18.50
N PHE A 337 -1.59 8.21 -19.34
CA PHE A 337 -0.38 8.93 -19.02
C PHE A 337 -0.31 10.27 -19.75
N GLY A 338 -1.38 10.63 -20.48
CA GLY A 338 -1.55 11.96 -21.06
C GLY A 338 -2.25 12.88 -20.08
N PRO A 339 -2.30 14.17 -20.38
CA PRO A 339 -2.89 15.09 -19.39
C PRO A 339 -4.32 14.75 -19.01
N LYS A 340 -5.19 14.55 -19.99
CA LYS A 340 -6.58 14.28 -19.65
C LYS A 340 -6.74 12.95 -18.92
N GLY A 341 -6.05 11.90 -19.43
CA GLY A 341 -6.19 10.62 -18.74
C GLY A 341 -5.72 10.68 -17.30
N ARG A 342 -4.64 11.41 -17.11
CA ARG A 342 -4.13 11.54 -15.76
C ARG A 342 -5.11 12.29 -14.91
N GLU A 343 -5.78 13.32 -15.44
CA GLU A 343 -6.75 14.06 -14.61
C GLU A 343 -7.89 13.15 -14.20
N LEU A 344 -8.46 12.38 -15.13
CA LEU A 344 -9.60 11.54 -14.76
C LEU A 344 -9.22 10.47 -13.73
N SER A 345 -8.09 9.81 -13.98
CA SER A 345 -7.66 8.69 -13.12
C SER A 345 -7.32 9.16 -11.71
N ASN A 346 -7.12 10.45 -11.51
CA ASN A 346 -6.89 10.97 -10.19
C ASN A 346 -8.10 11.63 -9.55
N PHE A 347 -8.85 12.45 -10.27
CA PHE A 347 -9.87 13.30 -9.73
C PHE A 347 -11.28 12.84 -10.01
N GLY A 348 -11.48 11.88 -10.90
CA GLY A 348 -12.85 11.45 -11.15
C GLY A 348 -13.40 11.98 -12.44
N VAL A 349 -14.53 12.69 -12.40
CA VAL A 349 -15.16 13.14 -13.69
C VAL A 349 -15.51 14.61 -13.57
N PRO A 350 -15.14 15.39 -14.60
CA PRO A 350 -15.38 16.82 -14.57
C PRO A 350 -16.89 17.08 -14.63
N GLY A 351 -17.33 17.99 -13.76
CA GLY A 351 -18.77 18.27 -13.62
C GLY A 351 -19.42 17.36 -12.59
N LEU A 352 -18.71 16.32 -12.17
CA LEU A 352 -19.28 15.41 -11.18
C LEU A 352 -18.55 15.55 -9.83
N THR A 353 -17.25 15.28 -9.83
CA THR A 353 -16.49 15.42 -8.58
C THR A 353 -15.59 16.64 -8.52
N TYR A 354 -15.25 17.22 -9.66
CA TYR A 354 -14.38 18.38 -9.75
C TYR A 354 -14.82 19.25 -10.94
N ASP A 355 -14.30 20.46 -10.92
CA ASP A 355 -14.47 21.35 -12.06
C ASP A 355 -13.14 21.92 -12.45
N ILE A 356 -12.97 22.24 -13.74
CA ILE A 356 -11.76 22.99 -14.12
C ILE A 356 -11.99 24.46 -13.81
N LYS A 357 -11.15 25.02 -12.94
CA LYS A 357 -11.27 26.45 -12.60
C LYS A 357 -9.90 27.07 -12.78
N ASN A 358 -9.82 28.15 -13.55
CA ASN A 358 -8.55 28.74 -13.94
C ASN A 358 -7.64 27.65 -14.49
N GLY A 359 -8.20 26.72 -15.27
CA GLY A 359 -7.37 25.68 -15.87
C GLY A 359 -6.93 24.57 -14.95
N LYS A 360 -7.35 24.57 -13.68
CA LYS A 360 -6.91 23.50 -12.81
C LYS A 360 -8.09 22.65 -12.30
N PRO A 361 -7.91 21.38 -12.05
CA PRO A 361 -8.98 20.58 -11.47
C PRO A 361 -9.15 20.95 -9.99
N VAL A 362 -10.38 21.35 -9.67
CA VAL A 362 -10.69 21.71 -8.29
C VAL A 362 -11.83 20.88 -7.79
N TYR A 363 -11.60 20.08 -6.73
CA TYR A 363 -12.70 19.29 -6.19
C TYR A 363 -13.85 20.17 -5.73
N LYS A 364 -15.07 19.63 -5.88
CA LYS A 364 -16.25 20.32 -5.37
C LYS A 364 -16.25 20.29 -3.84
N ASP A 365 -16.87 21.30 -3.22
CA ASP A 365 -17.03 21.32 -1.77
C ASP A 365 -17.79 20.10 -1.29
N THR A 366 -18.75 19.58 -2.04
CA THR A 366 -19.39 18.37 -1.49
C THR A 366 -18.40 17.22 -1.37
N VAL A 367 -17.32 17.19 -2.16
CA VAL A 367 -16.33 16.11 -2.03
C VAL A 367 -15.40 16.42 -0.88
N LEU A 368 -14.94 17.69 -0.80
CA LEU A 368 -13.96 18.02 0.25
C LEU A 368 -14.60 17.97 1.64
N LYS A 369 -15.89 18.22 1.77
CA LYS A 369 -16.49 18.31 3.11
C LYS A 369 -17.18 17.01 3.53
N ALA A 370 -17.16 15.97 2.70
CA ALA A 370 -17.82 14.72 2.98
C ALA A 370 -17.16 14.01 4.14
N ALA A 371 -17.93 13.15 4.82
CA ALA A 371 -17.33 12.43 5.97
C ALA A 371 -16.29 11.45 5.50
N GLN A 372 -16.45 10.86 4.32
CA GLN A 372 -15.47 9.89 3.84
CA GLN A 372 -15.49 9.89 3.79
C GLN A 372 -14.25 10.58 3.27
N PRO A 373 -13.05 10.05 3.56
CA PRO A 373 -11.85 10.61 2.93
C PRO A 373 -11.98 10.63 1.41
N VAL A 374 -11.37 11.63 0.78
CA VAL A 374 -11.47 11.80 -0.68
C VAL A 374 -10.89 10.60 -1.40
N ASN A 375 -9.83 9.93 -0.90
CA ASN A 375 -9.39 8.75 -1.69
C ASN A 375 -10.44 7.66 -1.69
N ASN A 376 -11.14 7.44 -0.57
CA ASN A 376 -12.24 6.47 -0.53
C ASN A 376 -13.32 6.84 -1.54
N GLN A 377 -13.59 8.15 -1.64
CA GLN A 377 -14.61 8.62 -2.58
C GLN A 377 -14.18 8.37 -4.02
N MET A 378 -12.90 8.52 -4.27
CA MET A 378 -12.36 8.21 -5.59
C MET A 378 -12.48 6.73 -5.91
N TYR A 379 -12.14 5.84 -4.96
CA TYR A 379 -12.25 4.41 -5.28
C TYR A 379 -13.63 4.03 -5.77
N ASP A 380 -14.64 4.65 -5.12
CA ASP A 380 -16.02 4.30 -5.37
C ASP A 380 -16.45 4.66 -6.79
N ILE A 381 -15.73 5.54 -7.47
CA ILE A 381 -16.10 5.88 -8.86
C ILE A 381 -15.00 5.46 -9.82
N GLY A 382 -14.02 4.67 -9.32
CA GLY A 382 -13.00 4.19 -10.25
C GLY A 382 -11.79 5.07 -10.47
N ALA A 383 -11.52 5.99 -9.59
CA ALA A 383 -10.30 6.78 -9.55
C ALA A 383 -9.42 6.34 -8.38
N GLN A 384 -8.13 6.66 -8.43
CA GLN A 384 -7.16 6.26 -7.43
C GLN A 384 -7.14 4.74 -7.26
N ILE A 385 -7.31 4.03 -8.38
CA ILE A 385 -7.30 2.54 -8.30
C ILE A 385 -5.99 2.03 -8.92
N PRO A 386 -5.52 0.87 -8.49
CA PRO A 386 -4.18 0.42 -8.84
C PRO A 386 -4.05 -0.22 -10.21
N ILE A 387 -4.53 0.53 -11.20
CA ILE A 387 -4.23 0.26 -12.61
C ILE A 387 -2.87 0.88 -12.92
N GLY A 388 -2.36 0.75 -14.15
CA GLY A 388 -1.22 1.58 -14.62
C GLY A 388 -1.65 3.03 -14.75
N PHE A 389 -1.20 3.89 -13.84
CA PHE A 389 -1.62 5.28 -13.88
C PHE A 389 -0.63 6.13 -13.08
N TRP A 390 -0.64 7.44 -13.32
CA TRP A 390 0.36 8.33 -12.68
C TRP A 390 -0.41 9.21 -11.72
N GLN A 391 -0.28 8.91 -10.44
CA GLN A 391 -0.93 9.75 -9.42
C GLN A 391 -0.40 11.17 -9.48
N ASP A 392 -1.25 12.11 -9.12
CA ASP A 392 -0.98 13.54 -9.12
C ASP A 392 -1.20 14.07 -7.70
N TYR A 393 -0.10 14.39 -7.01
CA TYR A 393 -0.25 14.82 -5.61
C TYR A 393 -1.14 16.04 -5.50
N GLU A 394 -1.41 16.81 -6.54
CA GLU A 394 -2.33 17.96 -6.38
CA GLU A 394 -2.33 17.95 -6.40
C GLU A 394 -3.70 17.43 -5.98
N TYR A 395 -4.06 16.20 -6.38
CA TYR A 395 -5.39 15.67 -5.94
C TYR A 395 -5.42 15.59 -4.42
N GLU A 396 -4.28 15.25 -3.83
CA GLU A 396 -4.23 14.97 -2.40
C GLU A 396 -4.05 16.24 -1.57
N ARG A 397 -3.29 17.19 -2.13
CA ARG A 397 -3.09 18.47 -1.43
C ARG A 397 -4.43 19.10 -1.10
N GLN A 398 -5.42 18.94 -1.98
CA GLN A 398 -6.70 19.65 -1.78
C GLN A 398 -7.47 19.17 -0.55
N TRP A 399 -7.18 17.97 -0.07
CA TRP A 399 -7.89 17.46 1.11
C TRP A 399 -6.91 17.09 2.23
N THR A 400 -5.72 17.67 2.20
CA THR A 400 -4.72 17.60 3.24
CA THR A 400 -4.78 17.55 3.31
C THR A 400 -4.90 18.80 4.16
N ASN A 401 -5.51 18.55 5.32
CA ASN A 401 -5.82 19.68 6.21
C ASN A 401 -4.59 20.20 6.94
N ASP A 402 -4.74 21.27 7.72
CA ASP A 402 -3.57 21.87 8.35
C ASP A 402 -2.90 20.94 9.35
N VAL A 403 -3.67 20.15 10.10
CA VAL A 403 -3.13 19.14 11.01
C VAL A 403 -2.26 18.16 10.23
N ALA A 404 -2.74 17.68 9.09
CA ALA A 404 -1.95 16.76 8.29
C ALA A 404 -0.72 17.47 7.75
N LEU A 405 -0.86 18.69 7.30
CA LEU A 405 0.26 19.35 6.63
C LEU A 405 1.40 19.55 7.62
N GLN A 406 0.97 19.91 8.83
CA GLN A 406 1.99 20.25 9.84
C GLN A 406 2.66 18.95 10.24
N GLY A 407 2.01 17.76 10.25
CA GLY A 407 2.64 16.46 10.46
C GLY A 407 3.59 16.04 9.35
N ILE A 408 3.15 16.19 8.08
CA ILE A 408 4.02 15.91 6.93
C ILE A 408 5.25 16.81 7.00
N ASP A 409 5.08 18.09 7.29
CA ASP A 409 6.20 19.00 7.32
C ASP A 409 7.19 18.60 8.41
N MET A 410 6.68 18.20 9.57
CA MET A 410 7.52 17.75 10.69
CA MET A 410 7.57 17.79 10.65
C MET A 410 8.38 16.58 10.27
N TYR A 411 7.74 15.58 9.65
CA TYR A 411 8.44 14.35 9.29
C TYR A 411 9.47 14.63 8.21
N ILE A 412 9.13 15.47 7.23
CA ILE A 412 10.10 15.80 6.16
C ILE A 412 11.26 16.56 6.78
N LYS A 413 10.97 17.56 7.61
CA LYS A 413 12.02 18.44 8.16
C LYS A 413 12.97 17.67 9.06
N ASN A 414 12.34 16.78 9.87
CA ASN A 414 13.21 16.10 10.85
C ASN A 414 13.78 14.80 10.32
N LYS A 415 13.51 14.42 9.08
CA LYS A 415 14.16 13.28 8.42
CA LYS A 415 14.15 13.28 8.41
C LYS A 415 13.95 11.98 9.19
N TYR A 416 12.73 11.72 9.69
CA TYR A 416 12.50 10.45 10.36
C TYR A 416 12.50 9.29 9.38
N VAL A 417 12.16 9.56 8.10
CA VAL A 417 12.03 8.42 7.19
C VAL A 417 13.36 7.72 6.89
N LEU A 418 13.35 6.39 7.09
CA LEU A 418 14.54 5.58 6.86
C LEU A 418 14.76 5.42 5.35
N PRO A 419 16.01 5.37 4.90
CA PRO A 419 16.27 5.06 3.48
C PRO A 419 15.50 3.81 3.05
N GLN A 420 14.81 3.91 1.94
CA GLN A 420 13.98 2.82 1.44
C GLN A 420 14.76 1.92 0.52
N PHE A 421 14.34 0.66 0.46
CA PHE A 421 15.00 -0.36 -0.39
C PHE A 421 14.58 -0.17 -1.84
N THR A 422 15.53 -0.07 -2.76
CA THR A 422 15.11 0.16 -4.12
C THR A 422 15.36 -1.03 -5.03
N GLY A 423 15.53 -2.20 -4.44
CA GLY A 423 15.51 -3.42 -5.22
C GLY A 423 16.85 -3.79 -5.82
N VAL A 424 16.92 -4.96 -6.42
CA VAL A 424 18.09 -5.46 -7.09
C VAL A 424 17.76 -6.00 -8.48
N ASN A 425 18.80 -6.18 -9.29
CA ASN A 425 18.64 -6.61 -10.67
C ASN A 425 19.06 -8.06 -10.78
N LEU A 426 18.11 -8.98 -10.68
CA LEU A 426 18.43 -10.40 -10.71
C LEU A 426 18.71 -10.84 -12.14
N THR A 427 19.42 -11.96 -12.24
CA THR A 427 19.56 -12.64 -13.53
C THR A 427 18.33 -13.55 -13.74
N VAL A 428 18.14 -14.09 -14.94
CA VAL A 428 17.06 -15.05 -15.13
C VAL A 428 17.18 -16.23 -14.18
N GLU A 429 18.36 -16.80 -13.94
CA GLU A 429 18.45 -17.95 -13.06
CA GLU A 429 18.53 -17.95 -13.05
C GLU A 429 18.19 -17.50 -11.63
N GLU A 430 18.74 -16.33 -11.29
CA GLU A 430 18.45 -15.96 -9.89
C GLU A 430 16.96 -15.77 -9.73
N ARG A 431 16.30 -15.24 -10.75
CA ARG A 431 14.85 -15.01 -10.66
C ARG A 431 14.11 -16.32 -10.51
N GLU A 432 14.55 -17.42 -11.11
CA GLU A 432 13.88 -18.69 -10.95
CA GLU A 432 13.88 -18.71 -10.95
C GLU A 432 13.85 -19.04 -9.47
N ILE A 433 14.97 -18.84 -8.76
CA ILE A 433 14.95 -19.23 -7.33
C ILE A 433 13.96 -18.40 -6.54
N TYR A 434 14.04 -17.10 -6.82
CA TYR A 434 13.15 -16.13 -6.19
C TYR A 434 11.71 -16.58 -6.44
N ASP A 435 11.35 -16.87 -7.68
CA ASP A 435 9.92 -17.19 -7.90
C ASP A 435 9.55 -18.56 -7.34
N LYS A 436 10.50 -19.49 -7.27
CA LYS A 436 10.20 -20.82 -6.75
C LYS A 436 9.85 -20.77 -5.26
N TYR A 437 10.65 -20.03 -4.47
CA TYR A 437 10.47 -20.08 -3.03
C TYR A 437 9.94 -18.85 -2.33
N TRP A 438 10.19 -17.63 -2.85
CA TRP A 438 9.88 -16.46 -2.03
C TRP A 438 8.42 -16.31 -1.70
N PRO A 439 7.48 -16.36 -2.63
CA PRO A 439 6.06 -16.13 -2.30
C PRO A 439 5.60 -17.03 -1.17
N ASP A 440 6.02 -18.31 -1.19
CA ASP A 440 5.58 -19.19 -0.09
C ASP A 440 6.27 -18.94 1.23
N VAL A 441 7.56 -18.56 1.17
CA VAL A 441 8.22 -18.16 2.42
C VAL A 441 7.51 -16.93 3.01
N LYS A 442 7.16 -15.94 2.20
CA LYS A 442 6.53 -14.72 2.77
C LYS A 442 5.20 -15.09 3.41
N THR A 443 4.43 -16.00 2.83
CA THR A 443 3.18 -16.45 3.47
C THR A 443 3.44 -17.05 4.84
N TYR A 444 4.44 -17.94 4.91
CA TYR A 444 4.80 -18.62 6.16
C TYR A 444 5.24 -17.61 7.23
N MET A 445 6.07 -16.67 6.79
CA MET A 445 6.53 -15.62 7.72
C MET A 445 5.36 -14.87 8.34
N PHE A 446 4.38 -14.53 7.49
CA PHE A 446 3.23 -13.80 8.03
C PHE A 446 2.51 -14.69 9.06
N GLU A 447 2.24 -15.93 8.71
CA GLU A 447 1.53 -16.85 9.61
C GLU A 447 2.24 -16.93 10.97
N MET A 448 3.59 -17.08 10.93
CA MET A 448 4.34 -17.21 12.18
C MET A 448 4.24 -15.90 12.94
N GLY A 449 4.40 -14.79 12.20
CA GLY A 449 4.25 -13.48 12.87
C GLY A 449 2.93 -13.32 13.58
N GLN A 450 1.82 -13.69 12.94
CA GLN A 450 0.52 -13.55 13.57
C GLN A 450 0.49 -14.45 14.79
N SER A 451 1.00 -15.68 14.71
CA SER A 451 1.00 -16.60 15.84
C SER A 451 1.75 -16.01 17.04
N TRP A 452 2.91 -15.42 16.73
CA TRP A 452 3.74 -14.78 17.76
C TRP A 452 3.01 -13.64 18.39
N VAL A 453 2.38 -12.75 17.62
CA VAL A 453 1.69 -11.61 18.24
C VAL A 453 0.54 -12.06 19.14
N MET A 454 -0.25 -13.03 18.64
CA MET A 454 -1.44 -13.45 19.39
CA MET A 454 -1.42 -13.59 19.29
C MET A 454 -1.08 -14.46 20.49
N GLY A 455 0.18 -14.83 20.60
CA GLY A 455 0.60 -15.71 21.67
C GLY A 455 0.29 -17.19 21.47
N THR A 456 -0.19 -17.59 20.28
CA THR A 456 -0.47 -19.00 20.07
C THR A 456 0.83 -19.80 19.81
N LYS A 457 1.90 -19.11 19.45
CA LYS A 457 3.24 -19.65 19.40
CA LYS A 457 3.24 -19.65 19.40
C LYS A 457 4.16 -18.70 20.18
N ASP A 458 5.04 -19.26 20.98
CA ASP A 458 6.00 -18.44 21.74
C ASP A 458 7.22 -18.17 20.89
N PRO A 459 7.60 -16.94 20.60
CA PRO A 459 8.67 -16.72 19.64
C PRO A 459 9.99 -17.30 20.12
N GLU A 460 10.25 -17.28 21.42
CA GLU A 460 11.56 -17.80 21.89
C GLU A 460 11.64 -19.30 21.72
N LYS A 461 10.52 -19.95 22.01
CA LYS A 461 10.56 -21.42 21.99
C LYS A 461 10.49 -21.95 20.58
N THR A 462 9.88 -21.25 19.61
CA THR A 462 9.66 -21.77 18.25
C THR A 462 10.69 -21.26 17.26
N TRP A 463 11.57 -20.38 17.72
CA TRP A 463 12.52 -19.72 16.83
C TRP A 463 13.44 -20.68 16.08
N ASN A 464 13.91 -21.69 16.80
CA ASN A 464 14.74 -22.66 16.12
C ASN A 464 14.02 -23.43 15.03
N ASP A 465 12.85 -23.98 15.35
CA ASP A 465 12.04 -24.67 14.33
C ASP A 465 11.78 -23.73 13.15
N TYR A 466 11.50 -22.46 13.47
CA TYR A 466 11.20 -21.46 12.43
C TYR A 466 12.41 -21.28 11.53
N GLN A 467 13.60 -21.14 12.10
CA GLN A 467 14.77 -20.95 11.24
C GLN A 467 15.04 -22.19 10.39
N GLN A 468 14.76 -23.39 10.92
CA GLN A 468 14.97 -24.62 10.13
C GLN A 468 13.96 -24.63 8.98
N GLN A 469 12.73 -24.17 9.24
CA GLN A 469 11.71 -24.09 8.20
C GLN A 469 12.10 -23.06 7.14
N LEU A 470 12.65 -21.90 7.55
CA LEU A 470 13.11 -20.93 6.55
C LEU A 470 14.12 -21.59 5.61
N LYS A 471 15.09 -22.34 6.21
CA LYS A 471 16.06 -23.01 5.35
C LYS A 471 15.36 -24.02 4.44
N ASN A 472 14.48 -24.85 5.06
CA ASN A 472 13.81 -25.89 4.30
C ASN A 472 12.92 -25.34 3.19
N ARG A 473 12.30 -24.21 3.41
CA ARG A 473 11.43 -23.58 2.41
C ARG A 473 12.23 -22.73 1.44
N GLY A 474 13.56 -22.72 1.46
CA GLY A 474 14.26 -22.02 0.37
C GLY A 474 14.63 -20.60 0.67
N PHE A 475 14.32 -20.12 1.88
CA PHE A 475 14.62 -18.73 2.21
C PHE A 475 16.08 -18.33 2.03
N TYR A 476 17.01 -19.15 2.48
CA TYR A 476 18.42 -18.75 2.39
C TYR A 476 18.89 -18.87 0.95
N GLN A 477 18.21 -19.73 0.19
CA GLN A 477 18.54 -19.75 -1.25
C GLN A 477 18.22 -18.40 -1.90
N VAL A 478 17.05 -17.86 -1.57
CA VAL A 478 16.65 -16.54 -2.05
C VAL A 478 17.60 -15.47 -1.52
N MET A 479 17.92 -15.51 -0.22
CA MET A 479 18.81 -14.48 0.32
C MET A 479 20.14 -14.38 -0.39
N ILE A 480 20.60 -15.57 -0.76
CA ILE A 480 21.89 -15.56 -1.43
C ILE A 480 21.76 -15.00 -2.85
N VAL A 481 20.67 -15.22 -3.59
CA VAL A 481 20.62 -14.70 -4.96
C VAL A 481 20.47 -13.17 -4.87
N MET A 482 19.72 -12.80 -3.81
CA MET A 482 19.55 -11.36 -3.60
C MET A 482 20.89 -10.67 -3.35
N GLN A 483 21.73 -11.28 -2.53
CA GLN A 483 23.02 -10.72 -2.20
C GLN A 483 23.91 -10.74 -3.45
N LYS A 484 23.83 -11.83 -4.21
CA LYS A 484 24.67 -11.90 -5.42
C LYS A 484 24.31 -10.73 -6.35
N ALA A 485 23.02 -10.53 -6.56
CA ALA A 485 22.53 -9.45 -7.40
C ALA A 485 22.99 -8.09 -6.87
N TYR A 486 22.88 -7.90 -5.57
CA TYR A 486 23.31 -6.65 -4.96
C TYR A 486 24.77 -6.39 -5.26
N ASP A 487 25.58 -7.43 -5.04
CA ASP A 487 27.03 -7.26 -5.19
C ASP A 487 27.48 -6.96 -6.60
N ARG A 488 26.88 -7.71 -7.51
CA ARG A 488 27.09 -7.62 -8.95
C ARG A 488 26.83 -6.17 -9.32
N GLN A 489 25.65 -5.75 -8.86
CA GLN A 489 25.27 -4.37 -9.15
C GLN A 489 26.28 -3.44 -8.50
N TYR A 490 26.17 -3.39 -7.17
CA TYR A 490 26.97 -2.40 -6.44
C TYR A 490 28.39 -2.91 -6.32
#